data_9E9Q
#
_entry.id   9E9Q
#
_cell.length_a   96.717
_cell.length_b   96.717
_cell.length_c   114.823
_cell.angle_alpha   90.00
_cell.angle_beta   90.00
_cell.angle_gamma   120.00
#
_symmetry.space_group_name_H-M   'P 32 2 1'
#
loop_
_entity.id
_entity.type
_entity.pdbx_description
1 polymer 'RNA (101-MER)'
2 non-polymer 'MAGNESIUM ION'
3 water water
#
_entity_poly.entity_id   1
_entity_poly.type   'polyribonucleotide'
_entity_poly.pdbx_seq_one_letter_code
;CUCGUCUAUCUUCUGCAGGCUGCUUACGGGAAACCGUGUUGCAGCCGAUCAUCAGCACAUCUAGGUUUCGUCCGGGUGUG
ACCGAAAGGUAAGAUGGAGAG
;
_entity_poly.pdbx_strand_id   A
#